data_3G8K
#
_entry.id   3G8K
#
_cell.length_a   81.340
_cell.length_b   90.110
_cell.length_c   90.110
_cell.angle_alpha   90.00
_cell.angle_beta   90.00
_cell.angle_gamma   90.00
#
_symmetry.space_group_name_H-M   'I 2 2 2'
#
loop_
_entity.id
_entity.type
_entity.pdbx_description
1 polymer 'Lectin-related NK cell receptor LY49L1'
2 water water
#
_entity_poly.entity_id   1
_entity_poly.type   'polypeptide(L)'
_entity_poly.pdbx_seq_one_letter_code
;MASGRGFEKYWFCYGIKCYYFVMDRKTWSGCKQTCQISSLSLLKIDNEDELKFLKLLVPSDSYWIGLSYDNKKKDWAWIN
NGPSKLALNTMKYNIRDGGCMLLSKTRLDNDNCDKSFICICGKRLDKFPH
;
_entity_poly.pdbx_strand_id   A,B
#
# COMPACT_ATOMS: atom_id res chain seq x y z
N GLY A 4 1.16 -8.39 22.04
CA GLY A 4 0.48 -7.21 21.41
C GLY A 4 1.21 -6.58 20.22
N ARG A 5 1.17 -5.23 20.12
CA ARG A 5 1.57 -4.47 18.90
C ARG A 5 3.01 -3.87 18.81
N GLY A 6 3.81 -4.43 17.87
CA GLY A 6 4.96 -3.77 17.19
C GLY A 6 4.84 -3.99 15.67
N PHE A 7 3.79 -3.45 15.07
CA PHE A 7 3.62 -3.40 13.63
C PHE A 7 4.05 -2.07 12.99
N GLU A 8 4.25 -2.06 11.68
CA GLU A 8 4.42 -0.80 10.99
C GLU A 8 3.10 -0.03 11.08
N LYS A 9 3.15 1.28 10.85
CA LYS A 9 1.94 2.13 10.88
C LYS A 9 1.22 2.24 9.54
N TYR A 10 1.74 1.54 8.52
CA TYR A 10 1.06 1.52 7.22
C TYR A 10 0.51 0.17 6.96
N TRP A 11 -0.43 0.04 6.01
CA TRP A 11 -0.96 -1.27 5.70
C TRP A 11 -1.66 -1.15 4.39
N PHE A 12 -2.03 -2.24 3.77
CA PHE A 12 -2.79 -2.06 2.53
C PHE A 12 -3.83 -3.13 2.31
N CYS A 13 -4.76 -2.86 1.38
CA CYS A 13 -5.88 -3.72 1.18
C CYS A 13 -6.06 -3.94 -0.30
N TYR A 14 -6.64 -5.08 -0.62
CA TYR A 14 -6.89 -5.41 -1.99
C TYR A 14 -8.17 -6.28 -1.96
N GLY A 15 -9.29 -5.76 -2.49
CA GLY A 15 -10.49 -6.57 -2.51
C GLY A 15 -10.98 -6.66 -1.08
N ILE A 16 -11.09 -7.90 -0.58
CA ILE A 16 -11.63 -8.19 0.77
C ILE A 16 -10.58 -8.50 1.86
N LYS A 17 -9.30 -8.28 1.59
CA LYS A 17 -8.17 -8.66 2.45
C LYS A 17 -7.21 -7.44 2.69
N CYS A 18 -6.83 -7.17 3.93
CA CYS A 18 -5.71 -6.23 4.22
C CYS A 18 -4.40 -6.94 4.62
N TYR A 19 -3.27 -6.20 4.72
CA TYR A 19 -1.92 -6.71 4.82
C TYR A 19 -1.20 -5.82 5.78
N TYR A 20 -0.61 -6.42 6.78
CA TYR A 20 0.04 -5.66 7.93
C TYR A 20 1.47 -6.21 8.05
N PHE A 21 2.42 -5.38 8.57
CA PHE A 21 3.86 -5.64 8.50
C PHE A 21 4.36 -5.50 9.90
N VAL A 22 5.01 -6.55 10.42
CA VAL A 22 5.75 -6.54 11.73
C VAL A 22 7.08 -5.73 11.57
N MET A 23 7.54 -5.02 12.62
CA MET A 23 8.71 -4.15 12.47
C MET A 23 10.05 -4.91 12.48
N ASP A 24 10.11 -5.90 13.36
CA ASP A 24 11.24 -6.81 13.51
C ASP A 24 11.14 -8.04 12.58
N ARG A 25 12.29 -8.35 12.03
CA ARG A 25 12.47 -9.55 11.26
C ARG A 25 12.40 -10.74 12.19
N LYS A 26 11.75 -11.82 11.74
CA LYS A 26 11.59 -13.01 12.60
C LYS A 26 11.68 -14.26 11.78
N THR A 27 11.91 -15.36 12.50
CA THR A 27 11.97 -16.68 11.97
C THR A 27 10.58 -16.99 11.45
N TRP A 28 10.40 -17.99 10.60
CA TRP A 28 9.05 -18.25 10.08
C TRP A 28 8.09 -18.50 11.23
N SER A 29 8.55 -19.24 12.25
CA SER A 29 7.66 -19.68 13.34
C SER A 29 7.31 -18.49 14.19
N GLY A 30 8.29 -17.65 14.44
CA GLY A 30 8.05 -16.50 15.24
C GLY A 30 7.12 -15.48 14.65
N CYS A 31 7.03 -15.46 13.31
CA CYS A 31 6.17 -14.62 12.52
C CYS A 31 4.78 -15.21 12.58
N LYS A 32 4.73 -16.51 12.46
CA LYS A 32 3.45 -17.19 12.50
C LYS A 32 2.81 -16.86 13.85
N GLN A 33 3.59 -17.01 14.92
CA GLN A 33 3.03 -16.66 16.20
C GLN A 33 2.77 -15.17 16.48
N THR A 34 3.59 -14.26 15.95
CA THR A 34 3.32 -12.82 16.04
C THR A 34 2.07 -12.41 15.26
N CYS A 35 1.89 -12.85 14.03
CA CYS A 35 0.61 -12.59 13.37
C CYS A 35 -0.53 -13.00 14.34
N GLN A 36 -0.41 -14.18 14.92
CA GLN A 36 -1.50 -14.81 15.69
C GLN A 36 -1.93 -14.13 16.98
N ILE A 37 -0.98 -13.78 17.86
CA ILE A 37 -1.34 -13.02 19.06
C ILE A 37 -2.16 -11.75 18.75
N SER A 38 -2.02 -11.24 17.53
CA SER A 38 -2.81 -10.08 17.13
C SER A 38 -4.06 -10.40 16.28
N SER A 39 -4.57 -11.63 16.36
CA SER A 39 -5.72 -12.12 15.56
C SER A 39 -5.60 -11.97 14.03
N LEU A 40 -4.36 -11.91 13.54
CA LEU A 40 -4.03 -11.91 12.09
C LEU A 40 -3.53 -13.32 11.78
N SER A 41 -2.99 -13.58 10.62
CA SER A 41 -2.40 -14.86 10.38
C SER A 41 -1.32 -14.69 9.37
N LEU A 42 -0.21 -15.41 9.52
CA LEU A 42 0.82 -15.31 8.53
C LEU A 42 0.20 -15.48 7.13
N LEU A 43 0.57 -14.62 6.18
CA LEU A 43 -0.28 -14.38 5.02
C LEU A 43 -0.51 -15.62 4.14
N LYS A 44 -1.78 -15.86 3.85
CA LYS A 44 -2.15 -16.85 2.83
C LYS A 44 -2.62 -16.22 1.50
N ILE A 45 -2.12 -16.73 0.36
CA ILE A 45 -2.25 -16.09 -0.89
C ILE A 45 -3.27 -17.01 -1.65
N ASP A 46 -4.34 -16.39 -2.13
CA ASP A 46 -5.51 -17.14 -2.56
C ASP A 46 -5.52 -17.49 -4.02
N ASN A 47 -4.82 -16.70 -4.82
CA ASN A 47 -4.81 -16.84 -6.29
C ASN A 47 -3.73 -16.00 -6.98
N GLU A 48 -3.57 -16.22 -8.28
CA GLU A 48 -2.58 -15.51 -9.10
C GLU A 48 -2.81 -14.01 -9.17
N ASP A 49 -4.06 -13.58 -9.26
CA ASP A 49 -4.47 -12.15 -9.20
C ASP A 49 -3.90 -11.47 -7.97
N GLU A 50 -4.01 -12.16 -6.84
CA GLU A 50 -3.58 -11.61 -5.55
C GLU A 50 -2.06 -11.52 -5.43
N LEU A 51 -1.38 -12.62 -5.72
CA LEU A 51 0.04 -12.63 -5.97
C LEU A 51 0.56 -11.51 -6.89
N LYS A 52 -0.09 -11.30 -8.06
CA LYS A 52 0.28 -10.17 -8.98
C LYS A 52 0.28 -8.83 -8.29
N PHE A 53 -0.81 -8.54 -7.59
CA PHE A 53 -0.90 -7.34 -6.79
C PHE A 53 0.16 -7.20 -5.68
N LEU A 54 0.38 -8.24 -4.88
CA LEU A 54 1.35 -8.05 -3.79
C LEU A 54 2.73 -7.77 -4.33
N LYS A 55 3.14 -8.45 -5.39
CA LYS A 55 4.47 -8.24 -5.99
C LYS A 55 4.60 -6.80 -6.54
N LEU A 56 3.49 -6.29 -7.07
CA LEU A 56 3.31 -4.87 -7.45
C LEU A 56 3.44 -3.86 -6.26
N LEU A 57 2.64 -4.09 -5.22
CA LEU A 57 2.52 -3.18 -4.08
C LEU A 57 3.44 -3.28 -2.90
N VAL A 58 4.01 -4.44 -2.56
CA VAL A 58 4.88 -4.53 -1.34
C VAL A 58 6.18 -3.72 -1.53
N PRO A 59 6.70 -3.01 -0.47
CA PRO A 59 8.05 -2.48 -0.60
C PRO A 59 9.07 -3.57 -0.90
N SER A 60 10.14 -3.27 -1.62
CA SER A 60 11.10 -4.29 -2.07
C SER A 60 11.80 -4.95 -0.89
N ASP A 61 11.52 -6.22 -0.65
CA ASP A 61 12.14 -6.96 0.42
C ASP A 61 11.60 -8.33 0.29
N SER A 62 11.97 -9.17 1.26
CA SER A 62 11.56 -10.57 1.35
C SER A 62 10.76 -10.79 2.63
N TYR A 63 9.62 -11.45 2.48
CA TYR A 63 8.57 -11.54 3.49
C TYR A 63 8.20 -12.97 3.73
N TRP A 64 8.15 -13.37 4.99
CA TRP A 64 7.57 -14.71 5.28
C TRP A 64 6.09 -14.73 5.06
N ILE A 65 5.55 -15.83 4.52
CA ILE A 65 4.13 -15.95 4.27
C ILE A 65 3.77 -17.33 4.82
N GLY A 66 2.50 -17.59 4.99
CA GLY A 66 2.07 -18.75 5.79
C GLY A 66 2.00 -20.06 4.98
N LEU A 67 3.10 -20.40 4.34
CA LEU A 67 3.20 -21.56 3.48
C LEU A 67 4.52 -22.30 3.84
N SER A 68 4.41 -23.61 4.01
CA SER A 68 5.51 -24.43 4.50
C SER A 68 5.34 -25.81 3.97
N TYR A 69 6.42 -26.54 3.85
CA TYR A 69 6.36 -27.92 3.44
C TYR A 69 5.96 -28.86 4.58
N ASP A 70 5.01 -29.76 4.23
CA ASP A 70 4.28 -30.64 5.15
C ASP A 70 4.63 -32.07 4.75
N ASN A 71 5.46 -32.74 5.54
CA ASN A 71 5.88 -34.15 5.21
C ASN A 71 4.86 -35.28 5.42
N LYS A 72 3.81 -35.00 6.20
CA LYS A 72 2.57 -35.81 6.23
C LYS A 72 1.73 -35.74 4.95
N LYS A 73 1.44 -34.53 4.46
CA LYS A 73 0.76 -34.38 3.14
C LYS A 73 1.66 -34.64 1.94
N LYS A 74 2.98 -34.56 2.15
CA LYS A 74 4.01 -34.67 1.09
C LYS A 74 3.92 -33.52 0.11
N ASP A 75 3.70 -32.29 0.62
CA ASP A 75 3.40 -31.15 -0.23
C ASP A 75 3.51 -29.87 0.58
N TRP A 76 3.62 -28.75 -0.12
CA TRP A 76 3.57 -27.43 0.44
C TRP A 76 2.15 -27.17 0.88
N ALA A 77 1.99 -26.63 2.07
CA ALA A 77 0.65 -26.40 2.60
C ALA A 77 0.47 -25.05 3.27
N TRP A 78 -0.64 -24.36 2.98
CA TRP A 78 -0.98 -23.07 3.64
C TRP A 78 -1.26 -23.39 5.12
N ILE A 79 -0.84 -22.55 6.06
CA ILE A 79 -1.12 -22.83 7.48
C ILE A 79 -2.61 -23.05 7.82
N ASN A 80 -2.83 -23.90 8.82
CA ASN A 80 -4.15 -24.31 9.30
C ASN A 80 -5.02 -24.87 8.19
N ASN A 81 -4.42 -25.69 7.34
CA ASN A 81 -5.15 -26.32 6.23
C ASN A 81 -5.87 -25.30 5.35
N GLY A 82 -5.25 -24.14 5.10
CA GLY A 82 -5.99 -22.99 4.51
C GLY A 82 -6.18 -23.30 3.04
N PRO A 83 -7.39 -23.08 2.48
CA PRO A 83 -7.55 -23.42 1.05
C PRO A 83 -7.04 -22.31 0.08
N SER A 84 -6.49 -22.72 -1.06
CA SER A 84 -5.98 -21.74 -2.00
C SER A 84 -6.17 -22.19 -3.42
N LYS A 85 -6.31 -21.21 -4.32
CA LYS A 85 -6.38 -21.44 -5.73
C LYS A 85 -5.11 -20.99 -6.46
N LEU A 86 -4.05 -20.78 -5.67
CA LEU A 86 -2.72 -20.48 -6.18
C LEU A 86 -1.97 -21.82 -6.56
N ALA A 87 -1.73 -22.03 -7.86
CA ALA A 87 -1.03 -23.20 -8.34
C ALA A 87 0.46 -22.96 -8.14
N LEU A 88 1.10 -23.92 -7.47
CA LEU A 88 2.51 -23.84 -7.23
C LEU A 88 3.13 -24.87 -8.12
N ASN A 89 4.16 -24.49 -8.83
CA ASN A 89 4.88 -25.56 -9.48
C ASN A 89 5.91 -26.15 -8.46
N THR A 90 5.60 -27.29 -7.84
CA THR A 90 6.41 -27.71 -6.69
C THR A 90 7.82 -28.21 -7.05
N MET A 91 8.05 -28.56 -8.33
CA MET A 91 9.37 -28.83 -8.88
C MET A 91 10.26 -27.59 -8.75
N LYS A 92 9.68 -26.40 -8.73
CA LYS A 92 10.49 -25.19 -8.55
C LYS A 92 11.30 -25.17 -7.22
N TYR A 93 10.88 -26.01 -6.26
CA TYR A 93 11.28 -25.86 -4.85
C TYR A 93 12.04 -27.08 -4.32
N ASN A 94 13.29 -26.86 -3.99
CA ASN A 94 14.10 -27.89 -3.37
C ASN A 94 13.99 -27.78 -1.87
N ILE A 95 13.39 -28.75 -1.16
CA ILE A 95 13.22 -28.64 0.33
C ILE A 95 14.53 -28.74 1.13
N ARG A 96 15.62 -29.15 0.44
CA ARG A 96 16.98 -29.23 0.96
C ARG A 96 17.53 -27.85 1.22
N ASP A 97 17.16 -26.91 0.35
CA ASP A 97 17.40 -25.47 0.44
C ASP A 97 16.34 -24.65 1.21
N GLY A 98 15.38 -25.29 1.85
CA GLY A 98 14.39 -24.57 2.67
C GLY A 98 12.96 -25.05 2.64
N GLY A 99 12.33 -25.12 3.82
CA GLY A 99 10.96 -25.66 3.87
C GLY A 99 9.85 -24.66 4.11
N CYS A 100 10.15 -23.35 4.08
CA CYS A 100 9.15 -22.27 4.32
C CYS A 100 9.16 -21.30 3.16
N MET A 101 8.01 -20.69 2.80
CA MET A 101 7.96 -19.80 1.65
C MET A 101 8.05 -18.27 2.05
N LEU A 102 8.79 -17.51 1.27
CA LEU A 102 8.76 -16.08 1.25
C LEU A 102 8.16 -15.58 -0.05
N LEU A 103 7.58 -14.40 0.08
CA LEU A 103 7.24 -13.44 -0.96
C LEU A 103 8.37 -12.41 -1.15
N SER A 104 8.84 -12.27 -2.39
CA SER A 104 9.57 -11.04 -2.84
C SER A 104 8.81 -10.40 -4.01
N LYS A 105 9.17 -9.17 -4.39
CA LYS A 105 8.68 -8.58 -5.63
C LYS A 105 8.82 -9.43 -6.88
N THR A 106 9.80 -10.32 -6.87
CA THR A 106 10.05 -11.05 -8.08
C THR A 106 9.34 -12.45 -8.15
N ARG A 107 9.19 -13.15 -7.02
CA ARG A 107 8.74 -14.54 -7.01
C ARG A 107 8.51 -15.02 -5.59
N LEU A 108 7.84 -16.17 -5.49
CA LEU A 108 7.82 -17.01 -4.33
C LEU A 108 9.15 -17.79 -4.34
N ASP A 109 9.81 -17.88 -3.18
CA ASP A 109 10.99 -18.72 -3.05
C ASP A 109 10.95 -19.47 -1.74
N ASN A 110 11.56 -20.64 -1.66
CA ASN A 110 11.62 -21.33 -0.41
C ASN A 110 12.93 -20.97 0.28
N ASP A 111 12.96 -21.13 1.58
CA ASP A 111 14.15 -20.74 2.31
C ASP A 111 14.15 -21.35 3.72
N ASN A 112 15.33 -21.31 4.38
CA ASN A 112 15.53 -21.77 5.71
C ASN A 112 14.51 -21.17 6.65
N CYS A 113 13.71 -22.00 7.29
CA CYS A 113 12.70 -21.52 8.24
C CYS A 113 13.26 -20.72 9.41
N ASP A 114 14.57 -20.76 9.58
CA ASP A 114 15.26 -20.13 10.76
C ASP A 114 15.79 -18.78 10.41
N LYS A 115 15.86 -18.44 9.11
CA LYS A 115 16.24 -17.11 8.78
C LYS A 115 15.11 -16.16 9.21
N SER A 116 15.48 -14.92 9.49
CA SER A 116 14.64 -13.80 9.95
C SER A 116 14.32 -12.91 8.72
N PHE A 117 13.03 -12.92 8.32
CA PHE A 117 12.43 -12.03 7.29
C PHE A 117 11.23 -11.21 7.86
N ILE A 118 10.85 -10.13 7.18
CA ILE A 118 9.64 -9.35 7.53
C ILE A 118 8.43 -10.29 7.51
N CYS A 119 7.62 -10.27 8.55
CA CYS A 119 6.29 -10.95 8.53
C CYS A 119 5.23 -10.12 7.81
N ILE A 120 4.58 -10.74 6.82
CA ILE A 120 3.37 -10.13 6.34
C ILE A 120 2.21 -11.01 6.83
N CYS A 121 1.37 -10.38 7.67
CA CYS A 121 0.14 -10.94 8.23
C CYS A 121 -1.11 -10.54 7.43
N GLY A 122 -1.97 -11.46 7.05
CA GLY A 122 -3.22 -11.00 6.44
C GLY A 122 -4.43 -11.18 7.36
N LYS A 123 -5.45 -10.38 7.12
CA LYS A 123 -6.77 -10.45 7.75
C LYS A 123 -7.83 -9.95 6.75
N ARG A 124 -8.77 -10.84 6.40
CA ARG A 124 -9.93 -10.47 5.63
C ARG A 124 -10.83 -9.50 6.36
N LEU A 125 -11.52 -8.71 5.59
CA LEU A 125 -12.40 -7.70 6.16
C LEU A 125 -13.73 -8.29 6.74
N ASP A 126 -14.12 -9.47 6.24
CA ASP A 126 -15.19 -10.26 6.80
C ASP A 126 -14.72 -11.28 7.90
N LYS A 127 -13.61 -10.97 8.61
CA LYS A 127 -13.15 -11.87 9.67
C LYS A 127 -13.50 -11.31 11.03
N PHE A 128 -14.31 -12.07 11.77
CA PHE A 128 -14.94 -11.64 13.01
C PHE A 128 -14.65 -12.72 14.04
N PRO A 129 -14.55 -12.33 15.32
CA PRO A 129 -14.43 -13.35 16.36
C PRO A 129 -15.60 -14.34 16.36
N HIS A 130 -15.29 -15.55 16.82
CA HIS A 130 -16.22 -16.63 17.05
C HIS A 130 -15.89 -17.24 18.40
N GLY B 4 -19.72 8.22 -9.21
CA GLY B 4 -19.62 7.39 -7.98
C GLY B 4 -19.05 5.98 -8.19
N ARG B 5 -17.72 5.88 -8.00
CA ARG B 5 -16.81 4.72 -8.31
C ARG B 5 -15.84 5.01 -9.53
N GLY B 6 -15.34 3.91 -10.17
CA GLY B 6 -14.17 3.94 -11.05
C GLY B 6 -12.86 4.04 -10.25
N PHE B 7 -12.77 3.36 -9.12
CA PHE B 7 -11.54 3.30 -8.31
C PHE B 7 -10.74 1.98 -8.43
N GLU B 8 -9.43 2.02 -8.27
CA GLU B 8 -8.68 0.78 -8.11
C GLU B 8 -9.26 -0.07 -6.96
N LYS B 9 -8.99 -1.38 -6.98
CA LYS B 9 -9.44 -2.27 -5.91
C LYS B 9 -8.55 -2.19 -4.67
N TYR B 10 -7.47 -1.39 -4.71
CA TYR B 10 -6.47 -1.44 -3.63
C TYR B 10 -6.33 -0.11 -2.95
N TRP B 11 -5.85 -0.05 -1.72
CA TRP B 11 -5.72 1.28 -1.15
C TRP B 11 -4.77 1.15 -0.05
N PHE B 12 -4.31 2.25 0.51
CA PHE B 12 -3.48 2.06 1.68
C PHE B 12 -3.67 3.09 2.71
N CYS B 13 -3.09 2.86 3.89
CA CYS B 13 -3.21 3.75 5.00
C CYS B 13 -1.91 3.92 5.74
N TYR B 14 -1.83 5.03 6.46
CA TYR B 14 -0.65 5.37 7.23
C TYR B 14 -1.19 6.21 8.38
N GLY B 15 -1.04 5.71 9.62
CA GLY B 15 -1.53 6.42 10.81
C GLY B 15 -3.01 6.58 10.70
N ILE B 16 -3.47 7.83 10.53
CA ILE B 16 -4.91 8.13 10.52
C ILE B 16 -5.54 8.41 9.14
N LYS B 17 -4.76 8.23 8.08
CA LYS B 17 -5.15 8.59 6.72
C LYS B 17 -5.02 7.39 5.74
N CYS B 18 -6.08 7.16 4.95
CA CYS B 18 -6.00 6.23 3.78
C CYS B 18 -5.91 6.93 2.41
N TYR B 19 -5.63 6.17 1.32
CA TYR B 19 -5.24 6.67 0.02
C TYR B 19 -5.89 5.79 -1.02
N TYR B 20 -6.56 6.40 -1.96
CA TYR B 20 -7.43 5.68 -2.93
C TYR B 20 -6.99 6.20 -4.30
N PHE B 21 -7.20 5.39 -5.36
CA PHE B 21 -6.59 5.60 -6.66
C PHE B 21 -7.71 5.45 -7.61
N VAL B 22 -7.91 6.50 -8.41
CA VAL B 22 -8.85 6.48 -9.55
C VAL B 22 -8.19 5.69 -10.73
N MET B 23 -9.01 4.91 -11.44
CA MET B 23 -8.56 4.08 -12.54
C MET B 23 -8.11 4.85 -13.77
N ASP B 24 -8.84 5.89 -14.14
CA ASP B 24 -8.53 6.69 -15.29
C ASP B 24 -7.80 7.97 -14.94
N ARG B 25 -6.78 8.27 -15.74
CA ARG B 25 -6.03 9.52 -15.65
C ARG B 25 -6.97 10.68 -15.98
N LYS B 26 -6.85 11.80 -15.26
CA LYS B 26 -7.74 12.93 -15.39
C LYS B 26 -6.92 14.20 -15.23
N THR B 27 -7.51 15.32 -15.60
CA THR B 27 -6.94 16.64 -15.43
C THR B 27 -6.95 16.94 -13.96
N TRP B 28 -6.25 17.97 -13.51
CA TRP B 28 -6.24 18.21 -12.11
C TRP B 28 -7.64 18.43 -11.58
N SER B 29 -8.45 19.23 -12.30
CA SER B 29 -9.77 19.65 -11.83
C SER B 29 -10.74 18.48 -11.81
N GLY B 30 -10.59 17.63 -12.81
CA GLY B 30 -11.31 16.39 -12.88
C GLY B 30 -11.00 15.44 -11.75
N CYS B 31 -9.72 15.35 -11.34
CA CYS B 31 -9.34 14.58 -10.19
C CYS B 31 -10.03 15.16 -8.93
N LYS B 32 -10.04 16.46 -8.85
CA LYS B 32 -10.51 17.12 -7.66
C LYS B 32 -11.98 16.83 -7.50
N GLN B 33 -12.71 16.89 -8.62
CA GLN B 33 -14.13 16.58 -8.62
C GLN B 33 -14.48 15.10 -8.44
N THR B 34 -13.73 14.18 -9.08
CA THR B 34 -13.86 12.73 -8.86
C THR B 34 -13.63 12.33 -7.38
N CYS B 35 -12.53 12.77 -6.80
CA CYS B 35 -12.35 12.57 -5.35
C CYS B 35 -13.57 13.07 -4.57
N GLN B 36 -14.10 14.22 -4.92
CA GLN B 36 -15.19 14.81 -4.14
C GLN B 36 -16.52 14.12 -4.20
N ILE B 37 -16.89 13.68 -5.41
CA ILE B 37 -18.06 12.87 -5.70
C ILE B 37 -18.15 11.70 -4.71
N SER B 38 -17.02 11.17 -4.29
CA SER B 38 -16.97 10.03 -3.40
C SER B 38 -16.66 10.38 -1.94
N SER B 39 -16.85 11.65 -1.57
CA SER B 39 -16.58 12.17 -0.23
C SER B 39 -15.13 11.93 0.20
N LEU B 40 -14.22 11.99 -0.79
CA LEU B 40 -12.76 11.94 -0.58
C LEU B 40 -12.25 13.36 -0.91
N SER B 41 -10.95 13.56 -0.91
CA SER B 41 -10.50 14.83 -1.34
C SER B 41 -9.20 14.69 -2.00
N LEU B 42 -9.01 15.39 -3.12
CA LEU B 42 -7.76 15.20 -3.79
C LEU B 42 -6.63 15.46 -2.75
N LEU B 43 -5.57 14.62 -2.72
CA LEU B 43 -4.75 14.45 -1.51
C LEU B 43 -4.02 15.67 -0.96
N LYS B 44 -4.12 15.86 0.36
CA LYS B 44 -3.35 16.85 1.07
C LYS B 44 -2.29 16.21 1.94
N ILE B 45 -1.05 16.66 1.79
CA ILE B 45 0.10 16.11 2.50
C ILE B 45 0.39 17.01 3.68
N ASP B 46 0.53 16.40 4.87
CA ASP B 46 0.44 17.12 6.12
C ASP B 46 1.81 17.49 6.59
N ASN B 47 2.80 16.66 6.26
CA ASN B 47 4.17 16.83 6.72
C ASN B 47 5.22 15.96 5.96
N GLU B 48 6.49 16.19 6.28
CA GLU B 48 7.65 15.52 5.69
C GLU B 48 7.65 14.04 5.94
N ASP B 49 7.24 13.61 7.12
CA ASP B 49 7.05 12.17 7.44
C ASP B 49 6.11 11.44 6.51
N GLU B 50 4.99 12.09 6.24
CA GLU B 50 3.95 11.54 5.35
C GLU B 50 4.39 11.49 3.90
N LEU B 51 5.00 12.56 3.43
CA LEU B 51 5.57 12.60 2.09
C LEU B 51 6.62 11.46 1.92
N LYS B 52 7.54 11.31 2.88
CA LYS B 52 8.53 10.21 2.89
C LYS B 52 7.86 8.86 2.69
N PHE B 53 6.87 8.55 3.54
CA PHE B 53 6.06 7.36 3.39
C PHE B 53 5.44 7.22 2.00
N LEU B 54 4.74 8.24 1.47
CA LEU B 54 4.10 8.05 0.16
C LEU B 54 5.06 7.80 -0.98
N LYS B 55 6.18 8.51 -0.99
CA LYS B 55 7.21 8.25 -1.98
C LYS B 55 7.68 6.78 -1.91
N LEU B 56 7.81 6.27 -0.70
CA LEU B 56 7.99 4.82 -0.41
C LEU B 56 6.92 3.81 -0.87
N LEU B 57 5.64 4.05 -0.59
CA LEU B 57 4.62 3.06 -0.94
C LEU B 57 3.82 3.20 -2.24
N VAL B 58 3.75 4.39 -2.86
CA VAL B 58 2.92 4.53 -4.09
C VAL B 58 3.53 3.76 -5.26
N PRO B 59 2.74 2.99 -6.06
CA PRO B 59 3.36 2.47 -7.26
C PRO B 59 4.09 3.58 -7.99
N SER B 60 4.99 3.23 -8.92
CA SER B 60 5.80 4.24 -9.61
C SER B 60 5.06 4.91 -10.77
N ASP B 61 4.68 6.16 -10.60
CA ASP B 61 3.88 6.88 -11.60
C ASP B 61 3.83 8.27 -11.04
N SER B 62 3.04 9.15 -11.68
CA SER B 62 2.82 10.56 -11.31
C SER B 62 1.33 10.80 -10.99
N TYR B 63 1.06 11.51 -9.90
CA TYR B 63 -0.27 11.58 -9.27
C TYR B 63 -0.63 13.00 -9.00
N TRP B 64 -1.83 13.38 -9.42
CA TRP B 64 -2.35 14.72 -9.04
C TRP B 64 -2.64 14.68 -7.55
N ILE B 65 -2.22 15.73 -6.83
CA ILE B 65 -2.49 15.93 -5.36
C ILE B 65 -3.12 17.31 -5.14
N GLY B 66 -3.80 17.55 -4.02
CA GLY B 66 -4.65 18.79 -3.82
C GLY B 66 -3.96 20.14 -3.51
N LEU B 67 -3.02 20.49 -4.39
CA LEU B 67 -2.09 21.60 -4.26
C LEU B 67 -2.01 22.32 -5.59
N SER B 68 -2.23 23.65 -5.53
CA SER B 68 -2.26 24.50 -6.74
C SER B 68 -1.86 25.87 -6.34
N TYR B 69 -1.36 26.62 -7.28
CA TYR B 69 -0.92 27.98 -7.06
C TYR B 69 -2.10 28.96 -7.04
N ASP B 70 -2.12 29.82 -6.03
CA ASP B 70 -3.26 30.71 -5.71
C ASP B 70 -2.79 32.14 -5.92
N ASN B 71 -3.29 32.76 -7.00
CA ASN B 71 -3.13 34.23 -7.35
C ASN B 71 -3.35 35.24 -6.26
N LYS B 72 -4.36 34.96 -5.45
CA LYS B 72 -4.91 35.90 -4.49
C LYS B 72 -4.06 35.84 -3.24
N LYS B 73 -3.73 34.62 -2.81
CA LYS B 73 -2.69 34.37 -1.77
C LYS B 73 -1.26 34.64 -2.22
N LYS B 74 -1.00 34.56 -3.52
CA LYS B 74 0.35 34.80 -4.09
C LYS B 74 1.24 33.69 -3.64
N ASP B 75 0.69 32.47 -3.65
CA ASP B 75 1.34 31.30 -3.10
C ASP B 75 0.69 29.99 -3.51
N TRP B 76 1.46 28.90 -3.40
CA TRP B 76 0.94 27.54 -3.42
C TRP B 76 0.05 27.25 -2.23
N ALA B 77 -1.11 26.69 -2.48
CA ALA B 77 -2.09 26.45 -1.43
C ALA B 77 -2.82 25.09 -1.60
N TRP B 78 -3.02 24.37 -0.49
CA TRP B 78 -3.72 23.06 -0.45
C TRP B 78 -5.20 23.33 -0.69
N ILE B 79 -5.93 22.43 -1.34
CA ILE B 79 -7.37 22.72 -1.58
C ILE B 79 -8.17 23.07 -0.30
N ASN B 80 -9.29 23.78 -0.50
CA ASN B 80 -10.18 24.25 0.56
C ASN B 80 -9.45 24.80 1.78
N ASN B 81 -8.48 25.68 1.56
CA ASN B 81 -7.68 26.31 2.64
C ASN B 81 -7.06 25.32 3.62
N GLY B 82 -6.79 24.09 3.15
CA GLY B 82 -6.33 22.95 4.00
C GLY B 82 -5.05 23.28 4.74
N PRO B 83 -4.97 23.05 6.08
CA PRO B 83 -3.74 23.30 6.80
C PRO B 83 -2.67 22.18 6.62
N SER B 84 -1.40 22.59 6.48
CA SER B 84 -0.32 21.65 6.35
C SER B 84 0.92 22.16 7.02
N LYS B 85 1.78 21.22 7.44
CA LYS B 85 3.07 21.51 7.98
C LYS B 85 4.19 21.05 7.07
N LEU B 86 3.85 20.74 5.80
CA LEU B 86 4.79 20.47 4.73
C LEU B 86 5.45 21.76 4.16
N ALA B 87 6.73 21.99 4.49
CA ALA B 87 7.42 23.18 3.96
C ALA B 87 7.83 22.94 2.49
N LEU B 88 7.43 23.86 1.62
CA LEU B 88 7.75 23.76 0.19
C LEU B 88 8.83 24.80 -0.01
N ASN B 89 9.86 24.52 -0.78
CA ASN B 89 10.67 25.65 -1.21
C ASN B 89 10.08 26.21 -2.53
N THR B 90 9.31 27.30 -2.46
CA THR B 90 8.55 27.71 -3.63
C THR B 90 9.40 28.32 -4.79
N MET B 91 10.60 28.78 -4.50
CA MET B 91 11.56 29.08 -5.54
C MET B 91 11.81 27.87 -6.48
N LYS B 92 11.55 26.62 -6.07
CA LYS B 92 11.82 25.54 -7.04
C LYS B 92 10.71 25.24 -8.06
N TYR B 93 9.62 26.01 -7.96
CA TYR B 93 8.47 25.82 -8.85
C TYR B 93 8.23 27.09 -9.65
N ASN B 94 8.62 27.02 -10.90
CA ASN B 94 8.24 27.96 -11.92
C ASN B 94 6.79 27.80 -12.39
N ILE B 95 5.91 28.75 -12.02
CA ILE B 95 4.45 28.65 -12.38
C ILE B 95 4.14 28.73 -13.90
N ARG B 96 5.13 29.20 -14.67
CA ARG B 96 5.06 29.27 -16.12
C ARG B 96 5.13 27.88 -16.70
N ASP B 97 5.70 26.97 -15.91
CA ASP B 97 5.75 25.53 -16.25
C ASP B 97 4.60 24.71 -15.68
N GLY B 98 3.75 25.32 -14.87
CA GLY B 98 2.56 24.60 -14.41
C GLY B 98 2.09 25.04 -13.06
N GLY B 99 0.77 25.07 -12.87
CA GLY B 99 0.25 25.65 -11.63
C GLY B 99 -0.37 24.68 -10.67
N CYS B 100 -0.21 23.37 -10.94
CA CYS B 100 -0.80 22.29 -10.12
C CYS B 100 0.29 21.37 -9.67
N MET B 101 0.13 20.72 -8.53
CA MET B 101 1.17 19.83 -8.07
C MET B 101 0.85 18.34 -8.26
N LEU B 102 1.85 17.58 -8.66
CA LEU B 102 1.80 16.15 -8.65
C LEU B 102 2.88 15.56 -7.73
N LEU B 103 2.63 14.33 -7.30
CA LEU B 103 3.53 13.49 -6.54
C LEU B 103 4.08 12.40 -7.47
N SER B 104 5.41 12.27 -7.54
CA SER B 104 6.07 11.04 -8.01
C SER B 104 6.90 10.44 -6.88
N LYS B 105 7.51 9.28 -7.12
CA LYS B 105 8.40 8.69 -6.12
C LYS B 105 9.61 9.55 -5.75
N THR B 106 9.99 10.47 -6.63
CA THR B 106 11.22 11.20 -6.47
C THR B 106 10.98 12.49 -5.68
N ARG B 107 9.81 13.10 -5.91
CA ARG B 107 9.63 14.47 -5.56
C ARG B 107 8.25 14.96 -5.91
N LEU B 108 7.95 16.09 -5.30
CA LEU B 108 6.89 16.98 -5.75
C LEU B 108 7.37 17.77 -6.99
N ASP B 109 6.52 17.89 -8.01
CA ASP B 109 6.78 18.75 -9.16
C ASP B 109 5.50 19.43 -9.62
N ASN B 110 5.59 20.61 -10.26
CA ASN B 110 4.45 21.31 -10.81
C ASN B 110 4.26 20.94 -12.27
N ASP B 111 3.04 21.09 -12.78
CA ASP B 111 2.81 20.71 -14.16
C ASP B 111 1.48 21.27 -14.67
N ASN B 112 1.34 21.37 -16.00
CA ASN B 112 0.16 21.85 -16.65
C ASN B 112 -1.06 21.23 -15.99
N CYS B 113 -1.94 22.04 -15.43
CA CYS B 113 -3.19 21.51 -14.81
C CYS B 113 -4.08 20.74 -15.75
N ASP B 114 -3.84 20.90 -17.05
CA ASP B 114 -4.63 20.16 -18.09
C ASP B 114 -4.02 18.80 -18.39
N LYS B 115 -2.79 18.49 -17.96
CA LYS B 115 -2.38 17.11 -18.26
C LYS B 115 -3.24 16.15 -17.44
N SER B 116 -3.40 14.92 -17.96
CA SER B 116 -3.99 13.78 -17.27
C SER B 116 -2.98 12.86 -16.51
N PHE B 117 -3.07 12.91 -15.16
CA PHE B 117 -2.34 12.02 -14.22
C PHE B 117 -3.30 11.23 -13.29
N ILE B 118 -2.78 10.20 -12.60
CA ILE B 118 -3.56 9.41 -11.64
C ILE B 118 -3.97 10.34 -10.47
N CYS B 119 -5.24 10.34 -10.13
CA CYS B 119 -5.70 10.93 -8.84
C CYS B 119 -5.39 10.06 -7.64
N ILE B 120 -4.75 10.69 -6.65
CA ILE B 120 -4.59 10.07 -5.37
C ILE B 120 -5.53 10.95 -4.44
N CYS B 121 -6.58 10.29 -3.93
CA CYS B 121 -7.60 10.88 -3.05
C CYS B 121 -7.31 10.51 -1.62
N GLY B 122 -7.27 11.44 -0.70
CA GLY B 122 -7.10 11.04 0.71
C GLY B 122 -8.43 11.15 1.46
N LYS B 123 -8.50 10.47 2.62
CA LYS B 123 -9.61 10.44 3.58
C LYS B 123 -9.13 10.01 4.97
N ARG B 124 -9.19 10.90 5.99
CA ARG B 124 -8.93 10.48 7.39
C ARG B 124 -9.89 9.49 7.95
N LEU B 125 -9.41 8.70 8.91
CA LEU B 125 -10.27 7.70 9.51
C LEU B 125 -11.30 8.29 10.49
N ASP B 126 -11.02 9.50 10.98
CA ASP B 126 -11.86 10.27 11.83
C ASP B 126 -12.64 11.36 11.03
N LYS B 127 -13.05 11.02 9.78
CA LYS B 127 -13.74 11.92 8.92
C LYS B 127 -15.09 11.30 8.70
N PHE B 128 -16.13 12.04 9.11
CA PHE B 128 -17.49 11.53 9.28
C PHE B 128 -18.40 12.61 8.67
N PRO B 129 -19.53 12.21 8.08
CA PRO B 129 -20.47 13.24 7.62
C PRO B 129 -20.90 14.24 8.66
N HIS B 130 -21.36 15.40 8.19
CA HIS B 130 -21.76 16.50 9.05
C HIS B 130 -22.87 17.19 8.27
#